data_9CF6
#
_entry.id   9CF6
#
_cell.length_a   105.039
_cell.length_b   72.601
_cell.length_c   93.817
_cell.angle_alpha   90.000
_cell.angle_beta   107.520
_cell.angle_gamma   90.000
#
_symmetry.space_group_name_H-M   'C 1 2 1'
#
loop_
_entity.id
_entity.type
_entity.pdbx_description
1 polymer 'Fab eOD-CL02.1 heavy chain'
2 polymer 'Fab eOD-CL02.1 lambda light chain'
3 polymer 'Germline-targeting HIV-1 gp120 engineered outer domain eODgt8'
4 non-polymer 2-acetamido-2-deoxy-beta-D-glucopyranose
#
loop_
_entity_poly.entity_id
_entity_poly.type
_entity_poly.pdbx_seq_one_letter_code
_entity_poly.pdbx_strand_id
1 'polypeptide(L)'
;EVQLVESGGGLVQSGGSLRLSCAASGFTFSSYNMNWVRQAPGKGLEWVSYISYSSNTIYYADSVKGRFTVSRDNAKNSLY
LQMNSLRDEDTAVYYCARDGAAALFDYWGQGILVTVSSASTKGPSVFPLAPSSKSTSGGTAALGCLVKDYFPEPVTVSWN
SGALTSGVHTFPAVLQSSGLYSLSSVVTVPSSSLGTQTYICNVNHKPSNTKVDKKVEPKSC
;
H
2 'polypeptide(L)'
;QSALTQPASVSGSPGQSITISCTGTSSDVGDYNYVSWYQQHPGKAPKLMIFEVSNRPSGVSNRFSGSKSGNTASLTISGL
QTEDEADYYCSSYTSSSSLVFGGGTKLTVLGQPKAAPSVTLFPPSSEELQANKATLVCLISDFYPGAVTVAWKADSSPVK
AGVETTTPSKQSNNKYAASSYLSLTPEQWKSHRSYSCQVTHEGSTVEKTVAPTECS
;
L
3 'polypeptide(L)'
;ETGDTITLPCRPAPPPHCSSNITGLILTRQGGYSNANTVIFRPSGGDWRDIARCQIAGTVVSTQLFLNGSLAEEEVVIRS
EDWRDNAKSICVQLATSVEIACTGAGHCAISRAKWANTLKQIASKLREQYGAKTIIFKPSSGGDPEFVNHSFNCGGEFFY
CASTQLFASTWFASTGTHHHHHH
;
G
#
loop_
_chem_comp.id
_chem_comp.type
_chem_comp.name
_chem_comp.formula
NAG D-saccharide, beta linking 2-acetamido-2-deoxy-beta-D-glucopyranose 'C8 H15 N O6'
#
# COMPACT_ATOMS: atom_id res chain seq x y z
N GLU A 1 9.07 8.43 19.80
CA GLU A 1 8.81 8.54 18.34
C GLU A 1 8.10 7.27 17.85
N VAL A 2 7.13 7.45 16.95
CA VAL A 2 6.35 6.35 16.41
C VAL A 2 7.29 5.40 15.69
N GLN A 3 7.15 4.11 15.99
CA GLN A 3 7.98 3.06 15.44
C GLN A 3 7.12 1.81 15.26
N LEU A 4 7.13 1.28 14.03
CA LEU A 4 6.51 0.01 13.67
C LEU A 4 7.57 -0.92 13.09
N VAL A 5 7.81 -2.04 13.79
CA VAL A 5 8.83 -3.02 13.40
C VAL A 5 8.16 -4.37 13.20
N GLU A 6 8.33 -4.92 12.00
CA GLU A 6 7.64 -6.15 11.63
C GLU A 6 8.56 -7.35 11.75
N SER A 7 7.97 -8.52 12.03
CA SER A 7 8.69 -9.79 12.14
C SER A 7 7.94 -10.86 11.34
N GLY A 8 8.66 -11.94 10.99
CA GLY A 8 8.07 -13.02 10.23
C GLY A 8 8.60 -13.02 8.80
N GLY A 9 7.93 -13.76 7.91
CA GLY A 9 8.31 -13.73 6.51
C GLY A 9 9.25 -14.88 6.19
N GLY A 10 9.69 -14.98 4.93
CA GLY A 10 10.54 -16.08 4.55
C GLY A 10 9.88 -16.93 3.48
N LEU A 11 10.37 -18.17 3.33
CA LEU A 11 9.87 -19.11 2.34
C LEU A 11 8.71 -19.90 2.93
N VAL A 12 7.66 -20.05 2.14
CA VAL A 12 6.50 -20.86 2.49
C VAL A 12 6.12 -21.70 1.28
N GLN A 13 5.46 -22.83 1.53
CA GLN A 13 5.06 -23.72 0.45
C GLN A 13 3.60 -23.49 0.12
N SER A 14 3.27 -23.67 -1.15
CA SER A 14 1.92 -23.51 -1.67
C SER A 14 0.95 -24.30 -0.79
N GLY A 15 0.28 -23.59 0.13
CA GLY A 15 -0.70 -24.18 1.02
C GLY A 15 -0.31 -24.09 2.50
N GLY A 16 0.83 -23.45 2.80
CA GLY A 16 1.38 -23.39 4.14
C GLY A 16 0.70 -22.32 4.99
N SER A 17 1.32 -22.00 6.13
CA SER A 17 0.80 -21.03 7.09
C SER A 17 1.92 -20.13 7.60
N LEU A 18 1.72 -18.83 7.48
CA LEU A 18 2.68 -17.87 8.00
C LEU A 18 1.96 -16.78 8.79
N ARG A 19 2.54 -16.41 9.94
CA ARG A 19 1.99 -15.37 10.77
C ARG A 19 3.00 -14.22 10.87
N LEU A 20 2.64 -13.07 10.28
CA LEU A 20 3.44 -11.86 10.35
C LEU A 20 3.06 -11.09 11.60
N SER A 21 4.06 -10.44 12.19
CA SER A 21 3.91 -9.72 13.44
C SER A 21 4.37 -8.28 13.25
N CYS A 22 3.71 -7.34 13.92
CA CYS A 22 4.13 -5.95 13.85
C CYS A 22 4.05 -5.37 15.26
N ALA A 23 5.21 -4.97 15.80
CA ALA A 23 5.26 -4.35 17.11
C ALA A 23 5.26 -2.84 16.95
N ALA A 24 4.43 -2.15 17.73
CA ALA A 24 4.34 -0.69 17.68
C ALA A 24 4.92 -0.11 18.97
N SER A 25 5.49 1.10 18.87
CA SER A 25 5.96 1.84 20.02
C SER A 25 5.88 3.34 19.76
N GLY A 26 5.71 4.12 20.83
CA GLY A 26 5.72 5.58 20.73
C GLY A 26 4.34 6.21 20.62
N PHE A 27 3.27 5.44 20.87
CA PHE A 27 1.92 5.96 20.80
C PHE A 27 0.94 4.91 21.33
N THR A 28 -0.19 5.35 21.89
CA THR A 28 -1.20 4.47 22.45
C THR A 28 -1.72 3.51 21.39
N PHE A 29 -1.09 2.34 21.30
CA PHE A 29 -1.43 1.37 20.28
C PHE A 29 -2.92 1.07 20.34
N SER A 30 -3.50 1.18 21.54
CA SER A 30 -4.88 0.78 21.80
C SER A 30 -5.90 1.81 21.28
N SER A 31 -5.43 2.97 20.79
CA SER A 31 -6.30 4.06 20.38
C SER A 31 -6.49 4.08 18.88
N TYR A 32 -5.45 3.73 18.13
CA TYR A 32 -5.47 3.82 16.68
C TYR A 32 -6.01 2.52 16.07
N ASN A 33 -6.64 2.64 14.91
CA ASN A 33 -6.94 1.50 14.08
C ASN A 33 -5.73 1.20 13.19
N MET A 34 -5.68 -0.02 12.64
CA MET A 34 -4.51 -0.48 11.93
C MET A 34 -4.90 -1.10 10.59
N ASN A 35 -3.88 -1.28 9.73
CA ASN A 35 -4.00 -1.82 8.39
C ASN A 35 -2.79 -2.68 8.04
N TRP A 36 -3.05 -3.71 7.23
CA TRP A 36 -2.04 -4.49 6.54
C TRP A 36 -2.10 -4.14 5.05
N VAL A 37 -0.92 -3.87 4.47
CA VAL A 37 -0.78 -3.69 3.02
C VAL A 37 0.31 -4.63 2.49
N ARG A 38 0.27 -4.88 1.17
CA ARG A 38 1.24 -5.75 0.51
C ARG A 38 1.61 -5.21 -0.88
N GLN A 39 2.81 -5.57 -1.33
CA GLN A 39 3.33 -5.12 -2.61
C GLN A 39 4.15 -6.24 -3.26
N ALA A 40 3.73 -6.68 -4.45
CA ALA A 40 4.37 -7.77 -5.17
C ALA A 40 5.67 -7.25 -5.80
N PRO A 41 6.79 -8.03 -5.81
CA PRO A 41 8.06 -7.49 -6.28
C PRO A 41 7.94 -6.92 -7.69
N GLY A 42 8.03 -5.59 -7.79
CA GLY A 42 7.92 -4.86 -9.06
C GLY A 42 6.48 -4.54 -9.44
N LYS A 43 5.61 -4.38 -8.43
CA LYS A 43 4.24 -3.97 -8.61
C LYS A 43 3.87 -2.91 -7.56
N GLY A 44 2.60 -2.54 -7.50
CA GLY A 44 2.20 -1.43 -6.65
C GLY A 44 1.63 -1.91 -5.32
N LEU A 45 1.18 -0.94 -4.51
CA LEU A 45 0.55 -1.18 -3.22
C LEU A 45 -0.89 -1.65 -3.42
N GLU A 46 -1.27 -2.64 -2.62
CA GLU A 46 -2.62 -3.14 -2.56
C GLU A 46 -3.00 -3.30 -1.08
N TRP A 47 -3.99 -2.53 -0.64
CA TRP A 47 -4.53 -2.65 0.70
C TRP A 47 -5.01 -4.09 0.93
N VAL A 48 -4.49 -4.71 1.99
CA VAL A 48 -4.81 -6.10 2.30
C VAL A 48 -5.98 -6.17 3.27
N SER A 49 -5.82 -5.57 4.45
CA SER A 49 -6.78 -5.72 5.53
C SER A 49 -6.79 -4.50 6.45
N TYR A 50 -7.91 -4.38 7.20
CA TYR A 50 -8.12 -3.33 8.19
C TYR A 50 -8.64 -3.95 9.49
N ILE A 51 -8.13 -3.45 10.62
CA ILE A 51 -8.48 -3.95 11.93
C ILE A 51 -8.71 -2.75 12.85
N SER A 52 -9.84 -2.78 13.55
CA SER A 52 -10.22 -1.68 14.43
C SER A 52 -9.50 -1.79 15.77
N TYR A 53 -9.53 -0.69 16.54
CA TYR A 53 -8.89 -0.62 17.85
C TYR A 53 -9.56 -1.63 18.78
N SER A 54 -10.87 -1.83 18.57
CA SER A 54 -11.70 -2.74 19.35
C SER A 54 -11.64 -4.15 18.77
N SER A 55 -11.02 -4.29 17.59
CA SER A 55 -10.95 -5.52 16.82
C SER A 55 -12.35 -6.09 16.56
N ASN A 56 -13.36 -5.21 16.54
CA ASN A 56 -14.72 -5.62 16.23
C ASN A 56 -15.06 -5.30 14.77
N THR A 57 -14.36 -4.32 14.21
CA THR A 57 -14.52 -3.97 12.80
C THR A 57 -13.26 -4.44 12.06
N ILE A 58 -13.37 -5.60 11.39
CA ILE A 58 -12.32 -6.16 10.56
C ILE A 58 -12.85 -6.18 9.14
N TYR A 59 -11.97 -5.81 8.18
CA TYR A 59 -12.31 -5.78 6.77
C TYR A 59 -11.17 -6.42 6.00
N TYR A 60 -11.52 -7.16 4.93
CA TYR A 60 -10.55 -7.86 4.11
C TYR A 60 -10.73 -7.46 2.65
N ALA A 61 -9.75 -7.83 1.82
CA ALA A 61 -9.83 -7.67 0.37
C ALA A 61 -10.45 -8.92 -0.25
N ASP A 62 -11.13 -8.73 -1.40
CA ASP A 62 -11.84 -9.82 -2.06
C ASP A 62 -10.93 -11.02 -2.30
N SER A 63 -9.64 -10.78 -2.53
CA SER A 63 -8.70 -11.83 -2.88
C SER A 63 -8.33 -12.66 -1.66
N VAL A 64 -7.86 -11.98 -0.61
CA VAL A 64 -7.34 -12.64 0.59
C VAL A 64 -8.50 -13.11 1.47
N LYS A 65 -9.73 -12.67 1.18
CA LYS A 65 -10.88 -12.99 2.00
C LYS A 65 -11.11 -14.50 2.01
N GLY A 66 -11.27 -15.04 3.22
CA GLY A 66 -11.48 -16.46 3.42
C GLY A 66 -10.18 -17.18 3.79
N ARG A 67 -9.04 -16.56 3.47
CA ARG A 67 -7.76 -17.25 3.61
C ARG A 67 -6.85 -16.53 4.60
N PHE A 68 -6.97 -15.20 4.69
CA PHE A 68 -6.17 -14.42 5.61
C PHE A 68 -7.04 -14.01 6.80
N THR A 69 -6.38 -13.73 7.94
CA THR A 69 -7.08 -13.37 9.15
C THR A 69 -6.21 -12.41 9.95
N VAL A 70 -6.75 -11.22 10.22
CA VAL A 70 -6.06 -10.20 10.97
C VAL A 70 -6.44 -10.33 12.44
N SER A 71 -5.54 -9.86 13.31
CA SER A 71 -5.81 -9.82 14.73
C SER A 71 -4.85 -8.82 15.35
N ARG A 72 -5.05 -8.57 16.64
CA ARG A 72 -4.20 -7.67 17.36
C ARG A 72 -4.25 -8.04 18.84
N ASP A 73 -3.21 -7.63 19.57
CA ASP A 73 -3.21 -7.77 21.02
C ASP A 73 -2.69 -6.49 21.65
N ASN A 74 -3.55 -5.79 22.38
CA ASN A 74 -3.24 -4.48 22.90
C ASN A 74 -2.32 -4.61 24.12
N ALA A 75 -2.37 -5.78 24.78
CA ALA A 75 -1.53 -6.05 25.94
C ALA A 75 -0.06 -6.00 25.54
N LYS A 76 0.24 -6.41 24.30
CA LYS A 76 1.60 -6.45 23.80
C LYS A 76 1.87 -5.34 22.77
N ASN A 77 0.87 -4.50 22.48
CA ASN A 77 0.98 -3.47 21.44
C ASN A 77 1.40 -4.09 20.11
N SER A 78 0.65 -5.10 19.67
CA SER A 78 1.04 -5.93 18.52
C SER A 78 -0.13 -6.11 17.57
N LEU A 79 0.20 -6.15 16.27
CA LEU A 79 -0.72 -6.48 15.21
C LEU A 79 -0.22 -7.75 14.52
N TYR A 80 -1.15 -8.53 13.96
CA TYR A 80 -0.81 -9.84 13.43
C TYR A 80 -1.64 -10.10 12.18
N LEU A 81 -1.03 -10.75 11.19
CA LEU A 81 -1.73 -11.22 10.00
C LEU A 81 -1.40 -12.69 9.77
N GLN A 82 -2.45 -13.52 9.76
CA GLN A 82 -2.30 -14.96 9.57
C GLN A 82 -2.67 -15.28 8.13
N MET A 83 -1.70 -15.85 7.38
CA MET A 83 -1.88 -16.20 5.99
C MET A 83 -1.85 -17.72 5.86
N ASN A 84 -2.94 -18.27 5.30
CA ASN A 84 -3.12 -19.71 5.20
C ASN A 84 -3.45 -20.04 3.76
N SER A 85 -3.18 -21.30 3.36
CA SER A 85 -3.42 -21.79 2.02
C SER A 85 -2.74 -20.89 1.00
N LEU A 86 -1.50 -20.49 1.32
CA LEU A 86 -0.82 -19.46 0.57
C LEU A 86 -0.63 -19.88 -0.88
N ARG A 87 -0.94 -18.95 -1.80
CA ARG A 87 -0.69 -19.14 -3.22
C ARG A 87 0.64 -18.47 -3.59
N ASP A 88 1.13 -18.78 -4.79
CA ASP A 88 2.33 -18.15 -5.31
C ASP A 88 2.02 -16.69 -5.64
N GLU A 89 0.72 -16.39 -5.79
CA GLU A 89 0.28 -15.04 -6.11
C GLU A 89 0.32 -14.13 -4.89
N ASP A 90 0.59 -14.70 -3.71
CA ASP A 90 0.62 -13.95 -2.47
C ASP A 90 2.04 -13.63 -2.06
N THR A 91 3.02 -13.97 -2.91
CA THR A 91 4.41 -13.59 -2.67
C THR A 91 4.51 -12.06 -2.75
N ALA A 92 4.99 -11.43 -1.68
CA ALA A 92 5.06 -9.98 -1.62
C ALA A 92 5.75 -9.49 -0.36
N VAL A 93 6.01 -8.18 -0.33
CA VAL A 93 6.50 -7.49 0.85
C VAL A 93 5.26 -6.95 1.57
N TYR A 94 5.11 -7.34 2.84
CA TYR A 94 3.94 -6.97 3.62
C TYR A 94 4.31 -5.82 4.56
N TYR A 95 3.44 -4.81 4.61
CA TYR A 95 3.66 -3.60 5.39
C TYR A 95 2.56 -3.49 6.44
N CYS A 96 2.95 -2.87 7.56
CA CYS A 96 2.11 -2.60 8.71
C CYS A 96 1.85 -1.09 8.75
N ALA A 97 0.62 -0.69 8.43
CA ALA A 97 0.25 0.73 8.38
C ALA A 97 -0.70 1.07 9.52
N ARG A 98 -0.63 2.33 9.97
CA ARG A 98 -1.50 2.86 11.01
C ARG A 98 -2.59 3.70 10.33
N ASP A 99 -3.83 3.52 10.78
CA ASP A 99 -4.93 4.29 10.21
C ASP A 99 -4.77 5.75 10.62
N GLY A 100 -4.91 6.66 9.65
CA GLY A 100 -4.82 8.08 9.91
C GLY A 100 -6.15 8.81 9.65
N ALA A 101 -7.25 8.06 9.60
CA ALA A 101 -8.55 8.66 9.42
C ALA A 101 -8.60 9.32 8.04
N ALA A 102 -8.59 10.66 8.00
CA ALA A 102 -8.63 11.42 6.76
C ALA A 102 -7.30 11.34 6.01
N ALA A 103 -6.22 11.06 6.74
CA ALA A 103 -4.90 10.88 6.13
C ALA A 103 -4.75 9.46 5.57
N LEU A 104 -5.75 8.59 5.80
CA LEU A 104 -5.78 7.21 5.31
C LEU A 104 -4.71 6.35 6.00
N PHE A 105 -3.45 6.47 5.57
CA PHE A 105 -2.34 5.81 6.22
C PHE A 105 -1.29 6.87 6.49
N ASP A 106 -0.64 6.79 7.66
CA ASP A 106 0.29 7.84 8.07
C ASP A 106 1.68 7.29 8.41
N TYR A 107 1.73 6.18 9.16
CA TYR A 107 2.99 5.55 9.47
C TYR A 107 3.03 4.12 8.96
N TRP A 108 4.20 3.73 8.44
CA TRP A 108 4.41 2.42 7.84
C TRP A 108 5.52 1.71 8.57
N GLY A 109 5.45 0.38 8.62
CA GLY A 109 6.53 -0.46 9.10
C GLY A 109 7.51 -0.75 7.96
N GLN A 110 8.69 -1.24 8.32
CA GLN A 110 9.78 -1.38 7.37
C GLN A 110 9.38 -2.35 6.24
N GLY A 111 8.52 -3.33 6.54
CA GLY A 111 8.10 -4.28 5.54
C GLY A 111 8.90 -5.57 5.68
N ILE A 112 8.26 -6.70 5.37
CA ILE A 112 8.90 -8.01 5.47
C ILE A 112 8.51 -8.82 4.25
N LEU A 113 9.45 -9.62 3.75
CA LEU A 113 9.25 -10.37 2.52
C LEU A 113 8.65 -11.74 2.81
N VAL A 114 7.67 -12.14 1.98
CA VAL A 114 7.08 -13.46 2.07
C VAL A 114 7.06 -14.07 0.67
N THR A 115 7.79 -15.17 0.50
CA THR A 115 7.91 -15.82 -0.79
C THR A 115 7.26 -17.20 -0.70
N VAL A 116 6.20 -17.38 -1.49
CA VAL A 116 5.50 -18.65 -1.52
C VAL A 116 5.95 -19.39 -2.78
N SER A 117 6.71 -20.47 -2.58
CA SER A 117 7.19 -21.29 -3.69
C SER A 117 7.18 -22.76 -3.32
N SER A 118 6.96 -23.59 -4.33
CA SER A 118 7.12 -25.02 -4.21
C SER A 118 8.15 -25.46 -5.25
N ALA A 119 9.39 -25.68 -4.81
CA ALA A 119 10.48 -25.97 -5.74
C ALA A 119 11.56 -26.85 -5.11
N SER A 120 11.86 -26.59 -3.83
CA SER A 120 12.92 -27.29 -3.10
C SER A 120 14.29 -26.79 -3.54
N THR A 121 15.04 -27.63 -4.27
CA THR A 121 16.30 -27.22 -4.86
C THR A 121 16.53 -28.05 -6.12
N LYS A 122 16.77 -27.33 -7.21
CA LYS A 122 17.15 -27.95 -8.47
C LYS A 122 18.25 -27.09 -9.11
N GLY A 123 19.20 -27.77 -9.74
CA GLY A 123 20.32 -27.13 -10.40
C GLY A 123 19.85 -26.42 -11.67
N PRO A 124 20.63 -25.43 -12.13
CA PRO A 124 20.29 -24.71 -13.36
C PRO A 124 20.42 -25.59 -14.61
N SER A 125 19.49 -25.42 -15.55
CA SER A 125 19.58 -26.02 -16.87
C SER A 125 20.03 -24.97 -17.89
N VAL A 126 21.23 -25.15 -18.46
CA VAL A 126 21.87 -24.10 -19.27
C VAL A 126 21.71 -24.42 -20.75
N PHE A 127 21.23 -23.43 -21.51
CA PHE A 127 21.13 -23.53 -22.96
C PHE A 127 21.96 -22.45 -23.64
N PRO A 128 22.52 -22.70 -24.85
CA PRO A 128 23.23 -21.68 -25.61
C PRO A 128 22.26 -20.87 -26.45
N LEU A 129 22.51 -19.57 -26.50
CA LEU A 129 21.80 -18.70 -27.42
C LEU A 129 22.81 -18.21 -28.44
N ALA A 130 22.85 -18.88 -29.60
CA ALA A 130 23.89 -18.67 -30.59
C ALA A 130 23.54 -17.47 -31.47
N PRO A 131 24.55 -16.73 -31.99
CA PRO A 131 24.30 -15.61 -32.89
C PRO A 131 23.99 -16.11 -34.29
N SER A 132 23.85 -15.19 -35.25
CA SER A 132 23.56 -15.57 -36.63
C SER A 132 24.26 -14.60 -37.60
N GLY A 138 26.53 -3.71 -37.14
CA GLY A 138 27.80 -2.98 -36.93
C GLY A 138 29.01 -3.89 -36.69
N GLY A 139 29.09 -5.01 -37.42
CA GLY A 139 30.22 -5.93 -37.35
C GLY A 139 30.40 -6.55 -35.97
N THR A 140 29.29 -6.88 -35.31
CA THR A 140 29.29 -7.42 -33.97
C THR A 140 28.35 -8.63 -33.90
N ALA A 141 28.54 -9.46 -32.89
CA ALA A 141 27.68 -10.59 -32.62
C ALA A 141 27.25 -10.56 -31.17
N ALA A 142 26.05 -11.07 -30.92
CA ALA A 142 25.55 -11.25 -29.57
C ALA A 142 25.24 -12.73 -29.33
N LEU A 143 25.95 -13.31 -28.36
CA LEU A 143 25.81 -14.72 -28.01
C LEU A 143 25.55 -14.81 -26.51
N GLY A 144 24.63 -15.69 -26.12
CA GLY A 144 24.17 -15.71 -24.74
C GLY A 144 23.98 -17.11 -24.18
N CYS A 145 23.64 -17.16 -22.90
CA CYS A 145 23.31 -18.40 -22.21
C CYS A 145 22.03 -18.15 -21.43
N LEU A 146 21.06 -19.04 -21.64
CA LEU A 146 19.83 -19.05 -20.88
C LEU A 146 19.97 -20.07 -19.75
N VAL A 147 19.89 -19.58 -18.52
CA VAL A 147 19.85 -20.44 -17.36
C VAL A 147 18.39 -20.56 -16.93
N LYS A 148 17.83 -21.77 -17.01
CA LYS A 148 16.41 -22.01 -16.79
C LYS A 148 16.18 -23.07 -15.70
N ASP A 149 15.10 -22.86 -14.92
CA ASP A 149 14.55 -23.86 -14.03
C ASP A 149 15.55 -24.20 -12.94
N TYR A 150 15.76 -23.23 -12.05
CA TYR A 150 16.59 -23.41 -10.88
C TYR A 150 15.89 -22.75 -9.69
N PHE A 151 16.16 -23.29 -8.50
CA PHE A 151 15.71 -22.69 -7.26
C PHE A 151 16.61 -23.20 -6.15
N PRO A 152 16.93 -22.38 -5.10
CA PRO A 152 16.58 -20.96 -5.06
C PRO A 152 17.67 -20.07 -5.66
N GLU A 153 17.50 -18.75 -5.51
CA GLU A 153 18.56 -17.84 -5.89
C GLU A 153 19.72 -17.99 -4.91
N PRO A 154 20.93 -17.45 -5.18
CA PRO A 154 21.28 -16.93 -6.51
C PRO A 154 22.15 -17.79 -7.44
N VAL A 155 22.11 -17.47 -8.74
CA VAL A 155 23.10 -18.01 -9.66
C VAL A 155 24.04 -16.87 -10.04
N THR A 156 25.27 -17.22 -10.44
CA THR A 156 26.20 -16.23 -10.95
C THR A 156 26.74 -16.67 -12.31
N VAL A 157 27.01 -15.71 -13.19
CA VAL A 157 27.35 -16.02 -14.59
C VAL A 157 28.57 -15.20 -15.00
N SER A 158 29.63 -15.93 -15.42
CA SER A 158 30.82 -15.34 -15.99
C SER A 158 31.07 -15.90 -17.38
N TRP A 159 32.03 -15.30 -18.10
CA TRP A 159 32.36 -15.70 -19.46
C TRP A 159 33.86 -16.00 -19.60
N ASN A 160 34.15 -17.14 -20.24
CA ASN A 160 35.51 -17.60 -20.44
C ASN A 160 36.29 -17.54 -19.13
N SER A 161 35.61 -17.90 -18.03
CA SER A 161 36.22 -17.98 -16.71
C SER A 161 36.64 -16.61 -16.19
N GLY A 162 36.14 -15.53 -16.79
CA GLY A 162 36.42 -14.20 -16.27
C GLY A 162 37.26 -13.36 -17.21
N ALA A 163 37.81 -13.98 -18.26
CA ALA A 163 38.65 -13.29 -19.23
C ALA A 163 37.87 -12.17 -19.90
N LEU A 164 36.65 -12.52 -20.33
CA LEU A 164 35.76 -11.60 -21.01
C LEU A 164 34.88 -10.88 -20.00
N THR A 165 35.19 -9.61 -19.75
CA THR A 165 34.47 -8.78 -18.78
C THR A 165 33.71 -7.70 -19.53
N SER A 166 34.37 -7.11 -20.53
CA SER A 166 33.78 -6.02 -21.29
C SER A 166 32.89 -6.62 -22.38
N GLY A 167 31.65 -6.15 -22.44
CA GLY A 167 30.69 -6.69 -23.38
C GLY A 167 29.70 -7.63 -22.69
N VAL A 168 29.99 -8.03 -21.45
CA VAL A 168 29.10 -8.96 -20.77
C VAL A 168 27.90 -8.20 -20.20
N HIS A 169 26.74 -8.86 -20.23
CA HIS A 169 25.51 -8.35 -19.65
C HIS A 169 24.71 -9.52 -19.11
N THR A 170 24.65 -9.64 -17.77
CA THR A 170 23.90 -10.71 -17.13
C THR A 170 22.56 -10.15 -16.67
N PHE A 171 21.48 -10.61 -17.27
CA PHE A 171 20.18 -10.07 -16.91
C PHE A 171 19.72 -10.69 -15.60
N PRO A 172 18.97 -9.95 -14.74
CA PRO A 172 18.27 -10.56 -13.62
C PRO A 172 17.28 -11.63 -14.10
N ALA A 173 16.68 -12.31 -13.12
CA ALA A 173 15.82 -13.45 -13.35
C ALA A 173 14.34 -13.07 -13.21
N VAL A 174 13.46 -13.88 -13.80
CA VAL A 174 12.05 -13.82 -13.52
C VAL A 174 11.62 -15.12 -12.84
N LEU A 175 10.88 -14.99 -11.73
CA LEU A 175 10.29 -16.15 -11.11
C LEU A 175 9.05 -16.54 -11.90
N GLN A 176 9.14 -17.66 -12.62
CA GLN A 176 8.02 -18.17 -13.40
C GLN A 176 6.89 -18.60 -12.48
N SER A 177 5.79 -19.06 -13.09
CA SER A 177 4.57 -19.47 -12.42
C SER A 177 4.67 -20.93 -11.98
N SER A 178 5.76 -21.27 -11.29
CA SER A 178 6.02 -22.63 -10.86
C SER A 178 7.10 -22.67 -9.78
N GLY A 179 7.53 -21.50 -9.33
CA GLY A 179 8.49 -21.42 -8.23
C GLY A 179 9.94 -21.58 -8.71
N LEU A 180 10.16 -21.62 -10.03
CA LEU A 180 11.48 -21.82 -10.61
C LEU A 180 11.98 -20.55 -11.30
N TYR A 181 13.28 -20.28 -11.18
CA TYR A 181 13.89 -19.06 -11.69
C TYR A 181 14.54 -19.29 -13.04
N SER A 182 14.60 -18.23 -13.85
CA SER A 182 15.24 -18.26 -15.16
C SER A 182 15.83 -16.89 -15.46
N LEU A 183 17.11 -16.88 -15.83
CA LEU A 183 17.77 -15.65 -16.25
C LEU A 183 18.59 -15.89 -17.51
N SER A 184 19.10 -14.79 -18.06
CA SER A 184 19.91 -14.83 -19.27
C SER A 184 21.21 -14.05 -19.08
N SER A 185 22.22 -14.37 -19.89
CA SER A 185 23.48 -13.65 -19.89
C SER A 185 23.99 -13.58 -21.33
N VAL A 186 24.00 -12.37 -21.88
CA VAL A 186 24.49 -12.14 -23.24
C VAL A 186 25.87 -11.50 -23.18
N VAL A 187 26.61 -11.64 -24.28
CA VAL A 187 27.88 -10.95 -24.44
C VAL A 187 28.04 -10.61 -25.91
N THR A 188 28.57 -9.42 -26.17
CA THR A 188 28.71 -8.87 -27.51
C THR A 188 30.18 -8.93 -27.89
N VAL A 189 30.47 -9.67 -28.97
CA VAL A 189 31.83 -10.02 -29.34
C VAL A 189 32.10 -9.60 -30.79
N PRO A 190 33.38 -9.63 -31.26
CA PRO A 190 33.70 -9.39 -32.66
C PRO A 190 33.13 -10.50 -33.52
N SER A 191 32.51 -10.10 -34.63
CA SER A 191 31.87 -11.05 -35.53
C SER A 191 32.93 -11.99 -36.10
N SER A 192 34.19 -11.55 -36.09
CA SER A 192 35.30 -12.29 -36.68
C SER A 192 35.81 -13.35 -35.71
N SER A 193 35.59 -13.13 -34.42
CA SER A 193 36.12 -13.99 -33.37
C SER A 193 35.29 -15.26 -33.25
N LEU A 194 34.08 -15.27 -33.83
CA LEU A 194 33.20 -16.41 -33.71
C LEU A 194 33.87 -17.68 -34.26
N GLY A 195 34.59 -17.54 -35.37
CA GLY A 195 35.24 -18.69 -35.98
C GLY A 195 36.58 -19.02 -35.33
N THR A 196 36.91 -18.33 -34.23
CA THR A 196 38.22 -18.47 -33.61
C THR A 196 38.09 -18.55 -32.08
N GLN A 197 37.68 -17.45 -31.45
CA GLN A 197 37.60 -17.35 -29.99
C GLN A 197 36.45 -18.21 -29.48
N THR A 198 36.77 -19.24 -28.67
CA THR A 198 35.73 -20.07 -28.11
C THR A 198 35.13 -19.32 -26.93
N TYR A 199 33.79 -19.35 -26.85
CA TYR A 199 33.03 -18.70 -25.79
C TYR A 199 32.35 -19.77 -24.92
N ILE A 200 32.68 -19.75 -23.62
CA ILE A 200 32.05 -20.62 -22.63
C ILE A 200 31.46 -19.72 -21.54
N CYS A 201 30.24 -20.05 -21.11
CA CYS A 201 29.62 -19.35 -20.01
C CYS A 201 29.65 -20.26 -18.78
N ASN A 202 30.11 -19.69 -17.68
CA ASN A 202 30.26 -20.39 -16.40
C ASN A 202 29.09 -20.00 -15.51
N VAL A 203 28.22 -20.98 -15.24
CA VAL A 203 27.05 -20.73 -14.40
C VAL A 203 27.30 -21.44 -13.08
N ASN A 204 27.39 -20.66 -12.00
CA ASN A 204 27.56 -21.22 -10.66
C ASN A 204 26.26 -21.10 -9.87
N HIS A 205 25.86 -22.21 -9.21
CA HIS A 205 24.66 -22.27 -8.38
C HIS A 205 25.00 -23.04 -7.11
N LYS A 206 25.32 -22.29 -6.04
CA LYS A 206 25.84 -22.86 -4.81
C LYS A 206 24.81 -23.74 -4.11
N PRO A 207 23.52 -23.35 -4.06
CA PRO A 207 22.48 -24.16 -3.42
C PRO A 207 22.57 -25.63 -3.77
N SER A 208 22.84 -25.94 -5.04
CA SER A 208 22.91 -27.30 -5.54
C SER A 208 24.36 -27.76 -5.69
N ASN A 209 25.31 -26.98 -5.13
CA ASN A 209 26.73 -27.24 -5.29
C ASN A 209 27.04 -27.60 -6.75
N THR A 210 26.50 -26.79 -7.67
CA THR A 210 26.62 -27.04 -9.10
C THR A 210 27.38 -25.89 -9.75
N LYS A 211 28.17 -26.24 -10.78
CA LYS A 211 28.75 -25.27 -11.69
C LYS A 211 28.78 -25.89 -13.09
N VAL A 212 28.20 -25.17 -14.06
CA VAL A 212 28.14 -25.69 -15.42
C VAL A 212 28.89 -24.74 -16.36
N ASP A 213 29.77 -25.32 -17.18
CA ASP A 213 30.46 -24.55 -18.20
C ASP A 213 29.90 -24.96 -19.55
N LYS A 214 29.08 -24.06 -20.13
CA LYS A 214 28.40 -24.32 -21.37
C LYS A 214 29.14 -23.65 -22.53
N LYS A 215 29.38 -24.42 -23.60
CA LYS A 215 30.04 -23.89 -24.78
C LYS A 215 29.00 -23.47 -25.80
N VAL A 216 29.15 -22.25 -26.33
CA VAL A 216 28.17 -21.65 -27.22
C VAL A 216 28.77 -21.54 -28.61
N GLU A 217 28.11 -22.13 -29.61
CA GLU A 217 28.64 -22.15 -30.97
C GLU A 217 27.61 -21.56 -31.93
N PRO A 218 28.01 -20.63 -32.84
CA PRO A 218 27.09 -20.14 -33.88
C PRO A 218 26.36 -21.26 -34.63
N ALA B 3 -8.55 1.04 -9.14
CA ALA B 3 -9.60 1.92 -9.69
C ALA B 3 -8.97 3.23 -10.17
N LEU B 4 -7.90 3.64 -9.48
CA LEU B 4 -7.22 4.89 -9.75
C LEU B 4 -6.08 4.63 -10.72
N THR B 5 -6.09 5.38 -11.83
CA THR B 5 -5.09 5.28 -12.89
C THR B 5 -4.13 6.44 -12.77
N GLN B 6 -2.83 6.12 -12.80
CA GLN B 6 -1.79 7.14 -12.86
C GLN B 6 -0.94 6.93 -14.11
N PRO B 7 -0.19 7.95 -14.58
CA PRO B 7 0.83 7.72 -15.61
C PRO B 7 1.93 6.83 -15.04
N ALA B 8 2.37 5.86 -15.86
CA ALA B 8 3.35 4.86 -15.48
C ALA B 8 4.65 5.55 -15.08
N SER B 9 5.01 6.60 -15.80
CA SER B 9 6.31 7.22 -15.67
C SER B 9 6.19 8.71 -15.99
N VAL B 10 6.92 9.55 -15.23
CA VAL B 10 7.01 10.97 -15.52
C VAL B 10 8.48 11.38 -15.41
N SER B 11 8.94 12.29 -16.28
CA SER B 11 10.34 12.71 -16.22
C SER B 11 10.41 14.24 -16.22
N GLY B 12 11.54 14.75 -15.76
CA GLY B 12 11.83 16.17 -15.72
C GLY B 12 13.28 16.41 -15.31
N SER B 13 13.78 17.62 -15.58
CA SER B 13 15.16 17.99 -15.27
C SER B 13 15.25 18.58 -13.85
N PRO B 14 16.47 18.60 -13.23
CA PRO B 14 16.69 19.35 -12.00
C PRO B 14 16.20 20.78 -12.14
N GLY B 15 15.49 21.28 -11.12
CA GLY B 15 15.06 22.67 -11.10
C GLY B 15 13.67 22.87 -11.70
N GLN B 16 13.24 21.97 -12.59
CA GLN B 16 11.93 22.07 -13.21
C GLN B 16 10.84 21.64 -12.23
N SER B 17 9.57 21.79 -12.64
CA SER B 17 8.42 21.23 -11.93
C SER B 17 7.74 20.16 -12.77
N ILE B 18 7.10 19.22 -12.07
CA ILE B 18 6.35 18.18 -12.74
C ILE B 18 5.09 17.88 -11.92
N THR B 19 4.04 17.41 -12.60
CA THR B 19 2.77 17.03 -11.99
C THR B 19 2.45 15.57 -12.29
N ILE B 20 1.93 14.87 -11.27
CA ILE B 20 1.50 13.49 -11.41
C ILE B 20 -0.02 13.44 -11.18
N SER B 21 -0.72 12.75 -12.09
CA SER B 21 -2.16 12.69 -12.07
C SER B 21 -2.61 11.41 -11.39
N CYS B 22 -3.86 11.41 -10.95
CA CYS B 22 -4.52 10.27 -10.36
C CYS B 22 -5.99 10.43 -10.71
N THR B 23 -6.46 9.61 -11.65
CA THR B 23 -7.79 9.79 -12.21
C THR B 23 -8.70 8.67 -11.69
N GLY B 24 -10.00 8.98 -11.61
CA GLY B 24 -11.03 8.02 -11.24
C GLY B 24 -12.41 8.53 -11.67
N THR B 25 -13.44 7.99 -11.02
CA THR B 25 -14.82 8.43 -11.22
C THR B 25 -15.61 8.22 -9.92
N SER B 26 -16.93 8.42 -9.99
CA SER B 26 -17.82 8.38 -8.84
C SER B 26 -17.53 7.15 -7.97
N SER B 27 -16.54 7.28 -7.09
CA SER B 27 -16.13 6.17 -6.23
C SER B 27 -15.10 6.68 -5.23
N ASP B 28 -14.01 7.24 -5.75
CA ASP B 28 -12.86 7.61 -4.94
C ASP B 28 -12.75 9.12 -4.85
N VAL B 29 -12.13 9.71 -5.87
CA VAL B 29 -11.80 11.14 -5.88
C VAL B 29 -13.08 11.95 -6.09
N GLY B 30 -14.18 11.27 -6.38
CA GLY B 30 -15.45 11.94 -6.68
C GLY B 30 -16.50 11.70 -5.61
N ASP B 31 -16.06 11.30 -4.40
CA ASP B 31 -16.97 11.02 -3.30
C ASP B 31 -16.52 11.71 -2.01
N TYR B 32 -15.24 11.59 -1.66
CA TYR B 32 -14.73 12.17 -0.43
C TYR B 32 -13.34 12.76 -0.65
N ASN B 33 -12.91 13.60 0.30
CA ASN B 33 -11.66 14.33 0.24
C ASN B 33 -10.53 13.51 0.86
N TYR B 34 -10.75 12.21 1.01
CA TYR B 34 -9.70 11.31 1.49
C TYR B 34 -8.80 10.95 0.30
N VAL B 35 -7.72 11.71 0.12
CA VAL B 35 -6.80 11.52 -1.00
C VAL B 35 -5.40 11.76 -0.45
N SER B 36 -4.54 10.76 -0.62
CA SER B 36 -3.19 10.88 -0.10
C SER B 36 -2.16 10.50 -1.17
N TRP B 37 -0.97 11.09 -1.04
CA TRP B 37 0.16 10.80 -1.91
C TRP B 37 1.33 10.30 -1.05
N TYR B 38 1.83 9.10 -1.40
CA TYR B 38 2.95 8.45 -0.71
C TYR B 38 4.13 8.39 -1.67
N GLN B 39 5.32 8.68 -1.13
CA GLN B 39 6.56 8.52 -1.86
C GLN B 39 7.16 7.19 -1.42
N GLN B 40 7.82 6.50 -2.36
CA GLN B 40 8.55 5.29 -2.00
C GLN B 40 9.89 5.28 -2.72
N HIS B 41 10.99 5.22 -1.95
CA HIS B 41 12.30 4.97 -2.51
C HIS B 41 12.55 3.46 -2.62
N PRO B 42 13.47 3.03 -3.52
CA PRO B 42 13.81 1.62 -3.68
C PRO B 42 14.04 0.92 -2.34
N GLY B 43 13.35 -0.20 -2.14
CA GLY B 43 13.56 -1.08 -0.99
C GLY B 43 13.25 -0.43 0.37
N LYS B 44 12.54 0.70 0.36
CA LYS B 44 12.12 1.37 1.59
C LYS B 44 10.60 1.30 1.68
N ALA B 45 10.04 1.84 2.77
CA ALA B 45 8.60 1.84 2.98
C ALA B 45 8.01 3.12 2.40
N PRO B 46 6.71 3.12 2.01
CA PRO B 46 6.07 4.36 1.58
C PRO B 46 6.16 5.43 2.66
N LYS B 47 6.22 6.70 2.25
CA LYS B 47 6.20 7.81 3.19
C LYS B 47 5.11 8.77 2.76
N LEU B 48 4.24 9.15 3.71
CA LEU B 48 3.18 10.10 3.45
C LEU B 48 3.80 11.45 3.10
N MET B 49 3.47 11.94 1.90
CA MET B 49 3.93 13.25 1.47
C MET B 49 2.76 14.24 1.52
N ILE B 50 1.58 13.83 1.05
CA ILE B 50 0.43 14.71 1.08
C ILE B 50 -0.79 13.93 1.54
N PHE B 51 -1.64 14.57 2.34
CA PHE B 51 -2.89 13.96 2.77
C PHE B 51 -4.00 14.98 2.62
N GLU B 52 -5.24 14.47 2.54
CA GLU B 52 -6.42 15.31 2.39
C GLU B 52 -6.19 16.29 1.24
N VAL B 53 -5.90 15.72 0.07
CA VAL B 53 -5.77 16.49 -1.16
C VAL B 53 -4.55 17.41 -1.11
N SER B 54 -4.45 18.28 -0.10
CA SER B 54 -3.44 19.32 -0.14
C SER B 54 -2.54 19.37 1.11
N ASN B 55 -2.99 18.83 2.23
CA ASN B 55 -2.26 19.03 3.48
C ASN B 55 -0.93 18.31 3.44
N ARG B 56 0.06 18.86 4.13
CA ARG B 56 1.42 18.36 4.11
C ARG B 56 1.86 18.05 5.53
N PRO B 57 2.27 16.81 5.85
CA PRO B 57 2.82 16.52 7.18
C PRO B 57 3.98 17.47 7.44
N SER B 58 4.11 17.93 8.67
CA SER B 58 5.24 18.75 9.08
C SER B 58 6.55 18.01 8.77
N GLY B 59 7.57 18.76 8.31
CA GLY B 59 8.88 18.19 8.02
C GLY B 59 9.10 18.03 6.51
N VAL B 60 8.04 17.67 5.78
CA VAL B 60 8.08 17.56 4.32
C VAL B 60 8.36 18.95 3.72
N SER B 61 9.16 19.01 2.63
CA SER B 61 9.44 20.25 1.94
C SER B 61 8.19 20.82 1.31
N ASN B 62 8.12 22.16 1.27
CA ASN B 62 6.99 22.89 0.72
C ASN B 62 6.97 22.86 -0.79
N ARG B 63 7.86 22.05 -1.39
CA ARG B 63 7.91 21.88 -2.83
C ARG B 63 6.82 20.92 -3.27
N PHE B 64 6.37 20.03 -2.37
CA PHE B 64 5.28 19.10 -2.67
C PHE B 64 3.96 19.83 -2.46
N SER B 65 3.05 19.74 -3.43
CA SER B 65 1.71 20.27 -3.28
C SER B 65 0.71 19.32 -3.91
N GLY B 66 -0.56 19.42 -3.50
CA GLY B 66 -1.59 18.55 -4.03
C GLY B 66 -2.83 19.35 -4.37
N SER B 67 -3.64 18.84 -5.30
CA SER B 67 -4.86 19.49 -5.69
C SER B 67 -5.83 18.44 -6.22
N LYS B 68 -7.10 18.82 -6.32
CA LYS B 68 -8.13 17.93 -6.84
C LYS B 68 -9.11 18.75 -7.68
N SER B 69 -9.55 18.15 -8.79
CA SER B 69 -10.40 18.80 -9.77
C SER B 69 -11.54 17.85 -10.16
N GLY B 70 -12.23 17.32 -9.14
CA GLY B 70 -13.32 16.39 -9.39
C GLY B 70 -12.84 14.96 -9.52
N ASN B 71 -12.44 14.58 -10.75
CA ASN B 71 -12.11 13.20 -11.05
C ASN B 71 -10.61 13.03 -11.20
N THR B 72 -9.86 14.09 -10.89
CA THR B 72 -8.42 14.11 -11.14
C THR B 72 -7.73 14.76 -9.94
N ALA B 73 -7.03 13.94 -9.15
CA ALA B 73 -6.10 14.47 -8.17
C ALA B 73 -4.75 14.68 -8.84
N SER B 74 -3.95 15.58 -8.29
CA SER B 74 -2.72 16.03 -8.92
C SER B 74 -1.71 16.35 -7.83
N LEU B 75 -0.49 15.84 -8.02
CA LEU B 75 0.60 16.09 -7.09
C LEU B 75 1.68 16.83 -7.86
N THR B 76 1.97 18.06 -7.44
CA THR B 76 2.97 18.88 -8.10
C THR B 76 4.26 18.93 -7.27
N ILE B 77 5.41 18.89 -7.98
CA ILE B 77 6.71 19.00 -7.33
C ILE B 77 7.50 20.08 -8.06
N SER B 78 8.00 21.05 -7.29
CA SER B 78 8.75 22.16 -7.84
C SER B 78 10.21 22.04 -7.42
N GLY B 79 11.12 22.54 -8.27
CA GLY B 79 12.55 22.43 -8.02
C GLY B 79 12.97 20.99 -7.76
N LEU B 80 12.82 20.14 -8.80
CA LEU B 80 13.19 18.73 -8.74
C LEU B 80 14.64 18.57 -8.28
N GLN B 81 14.85 17.59 -7.39
CA GLN B 81 16.19 17.18 -6.99
C GLN B 81 16.26 15.65 -6.99
N THR B 82 17.47 15.12 -6.86
CA THR B 82 17.70 13.68 -6.94
C THR B 82 16.79 12.93 -5.96
N GLU B 83 16.75 13.39 -4.70
CA GLU B 83 15.94 12.77 -3.66
C GLU B 83 14.48 12.58 -4.08
N ASP B 84 14.00 13.36 -5.05
CA ASP B 84 12.62 13.23 -5.48
C ASP B 84 12.45 11.97 -6.33
N GLU B 85 13.55 11.46 -6.87
CA GLU B 85 13.47 10.37 -7.83
C GLU B 85 13.03 9.10 -7.10
N ALA B 86 11.83 8.61 -7.43
CA ALA B 86 11.19 7.55 -6.64
C ALA B 86 9.87 7.15 -7.28
N ASP B 87 9.17 6.19 -6.66
CA ASP B 87 7.79 5.89 -7.03
C ASP B 87 6.82 6.67 -6.15
N TYR B 88 5.66 6.99 -6.72
CA TYR B 88 4.61 7.73 -6.03
C TYR B 88 3.27 7.04 -6.20
N TYR B 89 2.50 6.99 -5.11
CA TYR B 89 1.22 6.32 -5.09
C TYR B 89 0.17 7.28 -4.52
N CYS B 90 -0.99 7.33 -5.20
CA CYS B 90 -2.16 7.98 -4.66
C CYS B 90 -3.04 6.91 -4.03
N SER B 91 -3.80 7.30 -3.00
CA SER B 91 -4.69 6.42 -2.27
C SER B 91 -5.96 7.20 -2.01
N SER B 92 -7.09 6.50 -1.92
CA SER B 92 -8.39 7.10 -1.65
C SER B 92 -9.34 6.08 -1.01
N TYR B 93 -10.51 6.57 -0.58
CA TYR B 93 -11.55 5.75 0.03
C TYR B 93 -12.70 5.64 -0.96
N THR B 94 -13.08 4.40 -1.30
CA THR B 94 -14.05 4.17 -2.37
C THR B 94 -15.46 4.40 -1.83
N SER B 95 -16.40 4.50 -2.77
CA SER B 95 -17.84 4.67 -2.51
C SER B 95 -18.30 3.70 -1.42
N SER B 96 -17.80 2.46 -1.47
CA SER B 96 -18.28 1.39 -0.63
C SER B 96 -17.23 1.00 0.41
N SER B 97 -16.64 2.02 1.06
CA SER B 97 -15.72 1.81 2.16
C SER B 97 -14.66 0.76 1.77
N SER B 98 -13.82 1.12 0.79
CA SER B 98 -12.71 0.29 0.36
C SER B 98 -11.51 1.18 0.05
N LEU B 99 -10.39 0.93 0.74
CA LEU B 99 -9.17 1.67 0.51
C LEU B 99 -8.55 1.19 -0.80
N VAL B 100 -8.32 2.13 -1.73
CA VAL B 100 -7.80 1.83 -3.06
C VAL B 100 -6.55 2.67 -3.34
N PHE B 101 -5.49 2.01 -3.81
CA PHE B 101 -4.24 2.67 -4.19
C PHE B 101 -4.20 2.90 -5.71
N GLY B 102 -3.36 3.84 -6.12
CA GLY B 102 -3.16 4.13 -7.53
C GLY B 102 -2.19 3.12 -8.13
N GLY B 103 -2.04 3.16 -9.46
CA GLY B 103 -1.20 2.21 -10.16
C GLY B 103 0.30 2.46 -9.94
N GLY B 104 0.65 3.50 -9.19
CA GLY B 104 2.06 3.87 -9.01
C GLY B 104 2.64 4.59 -10.23
N THR B 105 3.54 5.54 -9.96
CA THR B 105 4.12 6.32 -11.04
C THR B 105 5.57 6.61 -10.66
N LYS B 106 6.48 6.33 -11.61
CA LYS B 106 7.89 6.50 -11.38
C LYS B 106 8.28 7.91 -11.78
N LEU B 107 8.86 8.67 -10.85
CA LEU B 107 9.42 9.96 -11.16
C LEU B 107 10.93 9.79 -11.33
N THR B 108 11.43 10.14 -12.53
CA THR B 108 12.85 10.15 -12.83
C THR B 108 13.33 11.60 -12.92
N VAL B 109 14.40 11.92 -12.20
CA VAL B 109 15.04 13.23 -12.33
C VAL B 109 16.08 13.14 -13.45
N LEU B 110 15.74 13.65 -14.64
CA LEU B 110 16.58 13.53 -15.83
C LEU B 110 17.95 14.16 -15.59
N GLY B 111 18.94 13.29 -15.35
CA GLY B 111 20.33 13.73 -15.25
C GLY B 111 21.20 13.08 -16.32
N GLN B 112 20.54 12.56 -17.36
CA GLN B 112 21.19 11.88 -18.48
C GLN B 112 20.26 12.05 -19.68
N PRO B 113 20.75 11.94 -20.95
CA PRO B 113 19.85 11.96 -22.11
C PRO B 113 19.03 10.68 -22.25
N LYS B 114 17.80 10.82 -22.72
CA LYS B 114 16.90 9.68 -22.92
C LYS B 114 17.46 8.80 -24.03
N ALA B 115 17.31 7.48 -23.86
CA ALA B 115 17.90 6.51 -24.76
C ALA B 115 16.86 5.45 -25.12
N ALA B 116 16.73 5.16 -26.43
CA ALA B 116 15.88 4.10 -26.92
C ALA B 116 16.40 2.75 -26.43
N PRO B 117 15.50 1.81 -26.07
CA PRO B 117 15.95 0.45 -25.76
C PRO B 117 16.61 -0.24 -26.95
N SER B 118 17.74 -0.92 -26.69
CA SER B 118 18.37 -1.89 -27.57
C SER B 118 17.81 -3.27 -27.30
N VAL B 119 17.37 -3.97 -28.35
CA VAL B 119 16.61 -5.21 -28.25
C VAL B 119 17.29 -6.32 -29.04
N THR B 120 17.44 -7.48 -28.39
CA THR B 120 18.07 -8.65 -28.98
C THR B 120 17.15 -9.85 -28.75
N LEU B 121 16.76 -10.52 -29.83
CA LEU B 121 15.73 -11.53 -29.76
C LEU B 121 16.32 -12.85 -30.25
N PHE B 122 16.38 -13.83 -29.35
CA PHE B 122 16.89 -15.15 -29.66
C PHE B 122 15.75 -16.16 -29.76
N PRO B 123 15.77 -17.04 -30.79
CA PRO B 123 14.74 -18.09 -30.91
C PRO B 123 15.15 -19.31 -30.09
N PRO B 124 14.25 -20.30 -29.94
CA PRO B 124 14.59 -21.54 -29.22
C PRO B 124 15.81 -22.16 -29.87
N SER B 125 16.72 -22.71 -29.04
CA SER B 125 17.88 -23.43 -29.54
C SER B 125 17.50 -24.88 -29.84
N SER B 126 18.29 -25.55 -30.68
CA SER B 126 17.98 -26.91 -31.07
C SER B 126 18.00 -27.80 -29.83
N GLU B 127 18.84 -27.43 -28.86
CA GLU B 127 18.95 -28.18 -27.63
C GLU B 127 17.61 -28.18 -26.89
N GLU B 128 17.03 -26.98 -26.73
CA GLU B 128 15.78 -26.82 -26.01
C GLU B 128 14.64 -27.53 -26.71
N LEU B 129 14.65 -27.50 -28.06
CA LEU B 129 13.60 -28.12 -28.85
C LEU B 129 13.65 -29.63 -28.68
N GLN B 130 14.88 -30.17 -28.66
CA GLN B 130 15.07 -31.60 -28.49
C GLN B 130 14.63 -32.05 -27.10
N ALA B 131 14.62 -31.11 -26.14
CA ALA B 131 14.12 -31.38 -24.79
C ALA B 131 12.62 -31.16 -24.71
N ASN B 132 11.97 -30.93 -25.87
CA ASN B 132 10.52 -30.84 -25.97
C ASN B 132 10.04 -29.56 -25.29
N LYS B 133 10.74 -28.44 -25.56
CA LYS B 133 10.35 -27.13 -25.06
C LYS B 133 10.81 -26.06 -26.04
N ALA B 134 10.20 -24.88 -25.95
CA ALA B 134 10.58 -23.75 -26.79
C ALA B 134 10.50 -22.45 -25.98
N THR B 135 11.58 -21.64 -26.03
CA THR B 135 11.61 -20.37 -25.32
C THR B 135 12.23 -19.30 -26.22
N LEU B 136 11.46 -18.23 -26.45
CA LEU B 136 11.96 -17.03 -27.12
C LEU B 136 12.41 -16.04 -26.05
N VAL B 137 13.64 -15.55 -26.23
CA VAL B 137 14.28 -14.68 -25.25
C VAL B 137 14.45 -13.30 -25.86
N CYS B 138 13.71 -12.33 -25.30
CA CYS B 138 13.81 -10.94 -25.70
C CYS B 138 14.56 -10.20 -24.60
N LEU B 139 15.64 -9.49 -24.98
CA LEU B 139 16.52 -8.79 -24.05
C LEU B 139 16.60 -7.32 -24.42
N ILE B 140 16.19 -6.45 -23.50
CA ILE B 140 16.20 -5.01 -23.72
C ILE B 140 17.22 -4.36 -22.78
N SER B 141 18.00 -3.40 -23.29
CA SER B 141 19.05 -2.78 -22.49
C SER B 141 19.34 -1.36 -22.97
N ASP B 142 19.99 -0.59 -22.09
CA ASP B 142 20.50 0.76 -22.37
C ASP B 142 19.39 1.76 -22.65
N PHE B 143 18.31 1.66 -21.87
CA PHE B 143 17.15 2.52 -22.01
C PHE B 143 17.07 3.41 -20.77
N TYR B 144 16.78 4.70 -20.98
CA TYR B 144 16.47 5.62 -19.91
C TYR B 144 15.36 6.54 -20.37
N PRO B 145 14.47 7.08 -19.49
CA PRO B 145 14.06 6.44 -18.23
C PRO B 145 13.81 4.94 -18.19
N GLY B 146 13.95 4.33 -16.99
CA GLY B 146 13.76 2.89 -16.85
C GLY B 146 12.29 2.54 -16.76
N ALA B 147 11.58 2.57 -17.89
CA ALA B 147 10.17 2.22 -17.96
C ALA B 147 9.82 1.79 -19.39
N VAL B 148 9.45 0.52 -19.56
CA VAL B 148 9.10 0.01 -20.87
C VAL B 148 7.85 -0.88 -20.77
N THR B 149 7.29 -1.24 -21.93
CA THR B 149 6.23 -2.22 -22.01
C THR B 149 6.52 -3.13 -23.18
N VAL B 150 6.38 -4.44 -22.96
CA VAL B 150 6.72 -5.42 -23.97
C VAL B 150 5.42 -6.07 -24.46
N ALA B 151 5.32 -6.28 -25.78
CA ALA B 151 4.24 -7.05 -26.39
C ALA B 151 4.81 -8.15 -27.28
N TRP B 152 4.06 -9.24 -27.46
CA TRP B 152 4.48 -10.33 -28.32
C TRP B 152 3.44 -10.58 -29.40
N LYS B 153 3.92 -10.73 -30.65
CA LYS B 153 3.07 -11.04 -31.79
C LYS B 153 3.54 -12.31 -32.48
N ALA B 154 2.58 -13.05 -33.05
CA ALA B 154 2.86 -14.21 -33.89
C ALA B 154 2.34 -13.92 -35.30
N ASP B 155 3.27 -13.68 -36.23
CA ASP B 155 2.97 -13.25 -37.58
C ASP B 155 2.39 -11.83 -37.55
N SER B 156 1.21 -11.73 -36.95
CA SER B 156 0.52 -10.46 -36.78
C SER B 156 -0.35 -10.50 -35.54
N SER B 157 -1.02 -11.64 -35.31
CA SER B 157 -1.94 -11.78 -34.18
C SER B 157 -1.19 -11.60 -32.86
N PRO B 158 -1.78 -10.90 -31.86
CA PRO B 158 -1.16 -10.81 -30.52
C PRO B 158 -1.11 -12.16 -29.82
N VAL B 159 -0.11 -12.35 -28.95
CA VAL B 159 0.09 -13.59 -28.23
C VAL B 159 -0.31 -13.38 -26.77
N LYS B 160 -1.32 -14.13 -26.33
CA LYS B 160 -1.93 -13.96 -25.02
C LYS B 160 -1.01 -14.54 -23.94
N ALA B 161 -0.94 -15.88 -23.88
CA ALA B 161 -0.29 -16.54 -22.76
C ALA B 161 1.16 -16.87 -23.10
N GLY B 162 1.92 -17.25 -22.07
CA GLY B 162 3.27 -17.75 -22.24
C GLY B 162 4.33 -16.67 -21.99
N VAL B 163 3.91 -15.48 -21.53
CA VAL B 163 4.82 -14.35 -21.42
C VAL B 163 5.17 -14.08 -19.95
N GLU B 164 6.47 -13.98 -19.66
CA GLU B 164 6.95 -13.60 -18.35
C GLU B 164 8.02 -12.52 -18.51
N THR B 165 7.78 -11.33 -17.94
CA THR B 165 8.65 -10.17 -18.12
C THR B 165 9.11 -9.61 -16.78
N THR B 166 10.35 -9.14 -16.76
CA THR B 166 10.98 -8.57 -15.57
C THR B 166 10.68 -7.07 -15.50
N THR B 167 10.96 -6.48 -14.34
CA THR B 167 10.91 -5.04 -14.23
C THR B 167 12.30 -4.47 -14.55
N PRO B 168 12.39 -3.21 -15.04
CA PRO B 168 13.69 -2.62 -15.35
C PRO B 168 14.63 -2.67 -14.15
N SER B 169 15.90 -3.01 -14.38
CA SER B 169 16.92 -3.01 -13.35
C SER B 169 18.07 -2.11 -13.79
N LYS B 170 18.60 -1.33 -12.84
CA LYS B 170 19.56 -0.31 -13.21
C LYS B 170 20.90 -0.98 -13.52
N GLN B 171 21.50 -0.61 -14.66
CA GLN B 171 22.82 -1.10 -15.04
C GLN B 171 23.87 -0.34 -14.24
N SER B 172 25.15 -0.57 -14.54
CA SER B 172 26.27 0.13 -13.91
C SER B 172 26.43 1.53 -14.50
N ASN B 173 25.90 1.74 -15.72
CA ASN B 173 26.08 2.97 -16.50
C ASN B 173 24.88 3.91 -16.31
N ASN B 174 24.04 3.60 -15.31
CA ASN B 174 22.89 4.41 -14.93
C ASN B 174 21.73 4.24 -15.90
N LYS B 175 21.90 3.38 -16.91
CA LYS B 175 20.80 2.99 -17.78
C LYS B 175 20.10 1.77 -17.19
N TYR B 176 19.06 1.28 -17.87
CA TYR B 176 18.25 0.19 -17.35
C TYR B 176 18.18 -0.95 -18.36
N ALA B 177 17.90 -2.15 -17.84
CA ALA B 177 17.77 -3.34 -18.65
C ALA B 177 16.59 -4.17 -18.14
N ALA B 178 16.10 -5.07 -19.00
CA ALA B 178 14.96 -5.90 -18.66
C ALA B 178 14.86 -7.05 -19.65
N SER B 179 14.05 -8.06 -19.31
CA SER B 179 14.00 -9.26 -20.12
C SER B 179 12.56 -9.78 -20.21
N SER B 180 12.22 -10.37 -21.35
CA SER B 180 10.95 -11.03 -21.59
C SER B 180 11.19 -12.44 -22.13
N TYR B 181 10.35 -13.39 -21.68
CA TYR B 181 10.47 -14.78 -22.10
C TYR B 181 9.10 -15.30 -22.53
N LEU B 182 9.02 -15.76 -23.79
CA LEU B 182 7.83 -16.40 -24.32
C LEU B 182 8.07 -17.90 -24.40
N SER B 183 7.30 -18.65 -23.60
CA SER B 183 7.43 -20.09 -23.50
C SER B 183 6.37 -20.78 -24.36
N LEU B 184 6.81 -21.45 -25.43
CA LEU B 184 5.92 -22.14 -26.35
C LEU B 184 6.31 -23.61 -26.43
N THR B 185 5.47 -24.40 -27.11
CA THR B 185 5.81 -25.76 -27.50
C THR B 185 6.52 -25.72 -28.84
N PRO B 186 7.40 -26.70 -29.15
CA PRO B 186 8.03 -26.76 -30.47
C PRO B 186 7.04 -26.73 -31.64
N GLU B 187 5.84 -27.29 -31.43
CA GLU B 187 4.85 -27.44 -32.49
C GLU B 187 4.29 -26.08 -32.91
N GLN B 188 3.87 -25.29 -31.91
CA GLN B 188 3.31 -23.97 -32.19
C GLN B 188 4.41 -23.03 -32.62
N TRP B 189 5.63 -23.26 -32.13
CA TRP B 189 6.78 -22.49 -32.58
C TRP B 189 6.98 -22.65 -34.08
N LYS B 190 6.91 -23.91 -34.57
CA LYS B 190 7.12 -24.20 -35.99
C LYS B 190 5.89 -23.86 -36.82
N SER B 191 4.72 -23.77 -36.16
CA SER B 191 3.44 -23.51 -36.82
C SER B 191 3.44 -22.11 -37.45
N HIS B 192 3.61 -21.08 -36.62
CA HIS B 192 3.58 -19.71 -37.09
C HIS B 192 4.77 -19.41 -38.00
N ARG B 193 4.63 -18.36 -38.81
CA ARG B 193 5.63 -18.01 -39.81
C ARG B 193 6.63 -16.99 -39.26
N SER B 194 6.25 -16.28 -38.19
CA SER B 194 7.10 -15.26 -37.60
C SER B 194 6.64 -14.96 -36.17
N TYR B 195 7.59 -14.48 -35.36
CA TYR B 195 7.33 -14.00 -34.01
C TYR B 195 8.03 -12.67 -33.85
N SER B 196 7.39 -11.75 -33.11
CA SER B 196 7.87 -10.40 -32.92
C SER B 196 7.84 -10.02 -31.44
N CYS B 197 8.94 -9.46 -30.95
CA CYS B 197 9.00 -8.83 -29.63
C CYS B 197 9.01 -7.32 -29.82
N GLN B 198 8.03 -6.62 -29.25
CA GLN B 198 7.89 -5.18 -29.42
C GLN B 198 8.03 -4.45 -28.08
N VAL B 199 9.04 -3.58 -27.96
CA VAL B 199 9.30 -2.88 -26.72
C VAL B 199 8.94 -1.40 -26.90
N THR B 200 8.04 -0.91 -26.04
CA THR B 200 7.55 0.46 -26.11
C THR B 200 8.14 1.28 -24.96
N HIS B 201 8.71 2.44 -25.32
CA HIS B 201 9.43 3.32 -24.42
C HIS B 201 9.31 4.76 -24.92
N GLU B 202 8.91 5.66 -24.03
CA GLU B 202 8.70 7.06 -24.34
C GLU B 202 7.81 7.22 -25.57
N GLY B 203 6.83 6.34 -25.72
CA GLY B 203 5.90 6.45 -26.83
C GLY B 203 6.39 5.68 -28.06
N SER B 204 7.71 5.67 -28.26
CA SER B 204 8.33 4.99 -29.39
C SER B 204 8.28 3.49 -29.17
N THR B 205 8.58 2.71 -30.22
CA THR B 205 8.60 1.25 -30.16
C THR B 205 9.74 0.72 -31.05
N VAL B 206 10.56 -0.18 -30.49
CA VAL B 206 11.43 -1.03 -31.28
C VAL B 206 10.79 -2.41 -31.38
N GLU B 207 11.09 -3.11 -32.47
CA GLU B 207 10.43 -4.36 -32.77
C GLU B 207 11.42 -5.30 -33.45
N LYS B 208 11.72 -6.42 -32.80
CA LYS B 208 12.61 -7.41 -33.38
C LYS B 208 11.81 -8.65 -33.77
N THR B 209 12.30 -9.38 -34.77
CA THR B 209 11.59 -10.50 -35.36
C THR B 209 12.48 -11.73 -35.46
N VAL B 210 11.87 -12.90 -35.28
CA VAL B 210 12.52 -14.17 -35.54
C VAL B 210 11.54 -15.07 -36.30
N ALA B 211 12.05 -15.75 -37.34
CA ALA B 211 11.27 -16.67 -38.15
C ALA B 211 11.71 -18.10 -37.87
N PRO B 212 10.79 -19.05 -37.58
CA PRO B 212 11.16 -20.45 -37.36
C PRO B 212 11.91 -21.07 -38.53
N THR B 213 11.76 -20.49 -39.72
CA THR B 213 12.43 -20.98 -40.91
C THR B 213 13.94 -20.99 -40.68
N GLU B 214 14.48 -19.87 -40.16
CA GLU B 214 15.90 -19.76 -39.91
C GLU B 214 16.28 -20.62 -38.70
N CYS B 215 17.34 -21.43 -38.87
CA CYS B 215 17.90 -22.31 -37.85
C CYS B 215 18.44 -21.47 -36.68
N ASP C 4 -21.30 31.65 36.68
CA ASP C 4 -22.19 31.53 35.48
C ASP C 4 -22.24 30.06 35.08
N THR C 5 -23.45 29.53 34.87
CA THR C 5 -23.67 28.09 34.77
C THR C 5 -24.69 27.77 33.67
N ILE C 6 -24.88 26.48 33.38
CA ILE C 6 -25.86 25.97 32.42
C ILE C 6 -26.83 25.05 33.17
N THR C 7 -28.14 25.32 33.03
CA THR C 7 -29.17 24.68 33.80
C THR C 7 -29.93 23.71 32.89
N LEU C 8 -29.63 22.43 33.01
CA LEU C 8 -30.30 21.42 32.18
C LEU C 8 -31.60 20.98 32.85
N PRO C 9 -32.76 21.10 32.16
CA PRO C 9 -34.02 20.50 32.64
C PRO C 9 -33.83 19.00 32.83
N CYS C 10 -34.53 18.43 33.83
CA CYS C 10 -34.47 17.00 34.08
C CYS C 10 -35.82 16.54 34.63
N ARG C 11 -36.50 15.64 33.90
CA ARG C 11 -37.78 15.10 34.35
C ARG C 11 -37.68 13.61 34.59
N PRO C 12 -37.92 13.08 35.81
CA PRO C 12 -38.26 13.88 37.01
C PRO C 12 -37.06 14.52 37.71
N ALA C 13 -37.32 15.15 38.87
CA ALA C 13 -36.32 15.93 39.58
C ALA C 13 -35.26 15.01 40.16
N PRO C 14 -33.99 15.08 39.70
CA PRO C 14 -32.94 14.20 40.22
C PRO C 14 -32.58 14.59 41.66
N PRO C 15 -32.54 13.63 42.60
CA PRO C 15 -32.26 13.96 44.00
C PRO C 15 -30.94 14.71 44.04
N PRO C 16 -30.61 15.38 45.16
CA PRO C 16 -29.32 16.05 45.28
C PRO C 16 -28.16 15.06 45.25
N HIS C 17 -28.42 13.83 45.73
CA HIS C 17 -27.37 12.85 45.96
C HIS C 17 -26.89 12.22 44.65
N CYS C 18 -27.63 12.47 43.55
CA CYS C 18 -27.29 11.91 42.24
C CYS C 18 -26.34 12.83 41.46
N SER C 19 -25.89 13.92 42.09
CA SER C 19 -24.87 14.79 41.51
C SER C 19 -23.66 13.96 41.07
N SER C 20 -23.24 14.14 39.82
CA SER C 20 -22.26 13.25 39.20
C SER C 20 -21.08 14.02 38.60
N ASN C 21 -20.08 13.26 38.12
CA ASN C 21 -18.96 13.79 37.35
C ASN C 21 -19.07 13.26 35.92
N ILE C 22 -19.07 14.18 34.95
CA ILE C 22 -19.03 13.81 33.54
C ILE C 22 -17.58 13.53 33.16
N THR C 23 -17.34 12.34 32.58
CA THR C 23 -16.01 11.84 32.28
C THR C 23 -15.83 11.62 30.77
N GLY C 24 -16.92 11.36 30.06
CA GLY C 24 -16.81 11.09 28.63
C GLY C 24 -18.11 11.38 27.89
N LEU C 25 -18.03 11.33 26.55
CA LEU C 25 -19.16 11.54 25.64
C LEU C 25 -19.15 10.48 24.53
N ILE C 26 -20.27 10.38 23.82
CA ILE C 26 -20.37 9.68 22.54
C ILE C 26 -20.96 10.65 21.51
N LEU C 27 -20.41 10.60 20.29
CA LEU C 27 -20.83 11.51 19.24
C LEU C 27 -21.05 10.75 17.94
N THR C 28 -21.92 11.31 17.08
CA THR C 28 -22.17 10.85 15.71
C THR C 28 -21.79 11.96 14.74
N ARG C 29 -21.33 11.56 13.56
CA ARG C 29 -20.88 12.51 12.55
C ARG C 29 -21.92 12.55 11.44
N GLN C 30 -22.41 13.76 11.15
CA GLN C 30 -23.51 13.97 10.21
C GLN C 30 -23.01 13.83 8.77
N GLY C 31 -23.94 13.57 7.85
CA GLY C 31 -23.67 13.44 6.42
C GLY C 31 -23.36 14.78 5.76
N ALA C 36 -16.10 23.45 2.48
CA ALA C 36 -16.67 24.27 3.58
C ALA C 36 -15.80 24.17 4.83
N ASN C 37 -15.03 23.08 4.96
CA ASN C 37 -14.29 22.78 6.17
C ASN C 37 -15.18 22.93 7.41
N THR C 38 -16.44 22.44 7.32
CA THR C 38 -17.31 22.37 8.48
C THR C 38 -17.79 20.94 8.66
N VAL C 39 -17.39 20.31 9.76
CA VAL C 39 -17.87 18.99 10.16
C VAL C 39 -18.78 19.18 11.38
N ILE C 40 -19.97 18.58 11.31
CA ILE C 40 -20.99 18.71 12.34
C ILE C 40 -21.12 17.39 13.09
N PHE C 41 -21.09 17.47 14.42
CA PHE C 41 -21.24 16.32 15.30
C PHE C 41 -22.45 16.50 16.20
N ARG C 42 -23.14 15.39 16.48
CA ARG C 42 -24.30 15.37 17.36
C ARG C 42 -24.06 14.41 18.52
N PRO C 43 -24.80 14.52 19.64
CA PRO C 43 -24.75 13.50 20.69
C PRO C 43 -25.38 12.23 20.12
N SER C 44 -24.60 11.15 20.14
CA SER C 44 -24.96 9.93 19.46
C SER C 44 -26.32 9.41 19.94
N GLY C 45 -27.16 9.03 18.98
CA GLY C 45 -28.48 8.49 19.28
C GLY C 45 -28.57 7.00 18.98
N GLY C 46 -27.42 6.33 18.85
CA GLY C 46 -27.33 4.89 18.61
C GLY C 46 -27.93 4.07 19.76
N ASP C 47 -27.93 2.74 19.59
CA ASP C 47 -28.50 1.83 20.58
C ASP C 47 -27.54 1.71 21.77
N TRP C 48 -27.89 0.84 22.73
CA TRP C 48 -27.09 0.64 23.93
C TRP C 48 -25.79 -0.12 23.65
N ARG C 49 -25.69 -0.74 22.47
CA ARG C 49 -24.53 -1.53 22.11
C ARG C 49 -23.29 -0.64 22.01
N ASP C 50 -23.43 0.51 21.34
CA ASP C 50 -22.33 1.43 21.14
C ASP C 50 -21.81 1.94 22.48
N ILE C 51 -22.76 2.25 23.38
CA ILE C 51 -22.42 2.76 24.70
C ILE C 51 -21.68 1.67 25.47
N ALA C 52 -22.20 0.44 25.42
CA ALA C 52 -21.63 -0.68 26.15
C ALA C 52 -20.22 -0.97 25.65
N ARG C 53 -20.02 -0.74 24.35
CA ARG C 53 -18.79 -1.11 23.67
C ARG C 53 -17.83 0.07 23.56
N CYS C 54 -18.23 1.27 24.00
CA CYS C 54 -17.28 2.35 24.17
C CYS C 54 -16.35 2.03 25.34
N GLN C 55 -16.91 1.41 26.38
CA GLN C 55 -16.13 0.92 27.52
C GLN C 55 -15.50 2.09 28.30
N ILE C 56 -15.85 3.32 27.91
CA ILE C 56 -15.52 4.49 28.71
C ILE C 56 -16.77 4.93 29.48
N ALA C 57 -17.88 4.20 29.26
CA ALA C 57 -19.13 4.48 29.94
C ALA C 57 -18.93 4.46 31.46
N GLY C 58 -18.35 3.37 31.97
CA GLY C 58 -17.93 3.33 33.37
C GLY C 58 -18.93 2.56 34.25
N THR C 59 -19.72 3.28 35.04
CA THR C 59 -20.52 2.69 36.11
C THR C 59 -22.01 2.90 35.88
N VAL C 60 -22.40 4.14 35.54
CA VAL C 60 -23.80 4.53 35.46
C VAL C 60 -24.38 4.10 34.11
N VAL C 61 -25.69 3.96 34.06
CA VAL C 61 -26.34 3.62 32.82
C VAL C 61 -26.89 4.91 32.24
N SER C 62 -26.11 5.55 31.36
CA SER C 62 -26.43 6.87 30.84
C SER C 62 -26.36 6.88 29.32
N THR C 63 -27.00 7.89 28.70
CA THR C 63 -26.95 8.09 27.25
C THR C 63 -26.24 9.42 26.97
N GLN C 64 -25.41 9.45 25.92
CA GLN C 64 -24.81 10.68 25.42
C GLN C 64 -23.65 11.13 26.32
N LEU C 65 -23.85 11.05 27.65
CA LEU C 65 -22.80 11.39 28.61
C LEU C 65 -22.49 10.19 29.52
N PHE C 66 -21.25 10.13 30.01
CA PHE C 66 -20.82 9.07 30.90
C PHE C 66 -20.39 9.68 32.22
N LEU C 67 -20.91 9.13 33.33
CA LEU C 67 -20.75 9.70 34.66
C LEU C 67 -20.08 8.68 35.57
N ASN C 68 -19.27 9.18 36.51
CA ASN C 68 -18.59 8.33 37.48
C ASN C 68 -17.57 7.42 36.77
N GLY C 69 -17.38 7.59 35.45
CA GLY C 69 -16.53 6.70 34.66
C GLY C 69 -15.03 6.96 34.86
N SER C 70 -14.19 6.27 34.07
CA SER C 70 -12.74 6.40 34.18
C SER C 70 -12.23 7.55 33.32
N LEU C 71 -11.29 8.31 33.86
CA LEU C 71 -10.73 9.46 33.16
C LEU C 71 -9.51 9.04 32.34
N ALA C 72 -9.17 9.86 31.33
CA ALA C 72 -7.94 9.69 30.57
C ALA C 72 -6.74 10.13 31.41
N GLU C 73 -5.55 9.83 30.89
CA GLU C 73 -4.32 9.98 31.65
C GLU C 73 -3.94 11.47 31.72
N GLU C 74 -3.70 12.06 30.53
CA GLU C 74 -3.22 13.44 30.45
C GLU C 74 -4.23 14.32 29.71
N GLU C 75 -4.57 13.92 28.48
CA GLU C 75 -5.39 14.74 27.59
C GLU C 75 -6.60 13.96 27.12
N VAL C 76 -7.52 14.66 26.46
CA VAL C 76 -8.70 14.02 25.89
C VAL C 76 -8.25 13.03 24.81
N VAL C 77 -8.81 11.83 24.85
CA VAL C 77 -8.55 10.85 23.82
C VAL C 77 -9.89 10.44 23.21
N ILE C 78 -9.93 10.45 21.87
CA ILE C 78 -11.12 10.03 21.13
C ILE C 78 -10.80 8.74 20.39
N ARG C 79 -11.81 7.87 20.27
CA ARG C 79 -11.65 6.58 19.64
C ARG C 79 -12.82 6.33 18.69
N SER C 80 -12.55 5.58 17.62
CA SER C 80 -13.56 5.17 16.68
C SER C 80 -13.13 3.91 15.96
N GLU C 81 -14.12 3.11 15.58
CA GLU C 81 -13.87 1.85 14.92
C GLU C 81 -13.76 2.04 13.41
N ASP C 82 -14.14 3.22 12.92
CA ASP C 82 -13.84 3.62 11.56
C ASP C 82 -14.21 5.09 11.39
N TRP C 83 -13.20 5.96 11.37
CA TRP C 83 -13.47 7.38 11.28
C TRP C 83 -14.15 7.77 9.97
N ARG C 84 -14.14 6.88 8.97
CA ARG C 84 -14.64 7.23 7.65
C ARG C 84 -16.02 6.65 7.43
N ASP C 85 -16.50 5.84 8.40
CA ASP C 85 -17.85 5.31 8.39
C ASP C 85 -18.70 6.08 9.40
N ASN C 86 -19.52 6.99 8.88
CA ASN C 86 -20.30 7.91 9.70
C ASN C 86 -21.12 7.13 10.70
N ALA C 87 -21.48 5.89 10.35
CA ALA C 87 -22.33 5.04 11.17
C ALA C 87 -21.60 4.48 12.39
N LYS C 88 -20.30 4.76 12.54
CA LYS C 88 -19.56 4.29 13.71
C LYS C 88 -19.35 5.46 14.66
N SER C 89 -19.80 5.29 15.91
CA SER C 89 -19.77 6.36 16.89
C SER C 89 -18.33 6.69 17.25
N ILE C 90 -18.12 7.87 17.86
CA ILE C 90 -16.83 8.29 18.41
C ILE C 90 -16.99 8.38 19.92
N CYS C 91 -16.17 7.60 20.64
CA CYS C 91 -16.13 7.65 22.09
C CYS C 91 -15.10 8.69 22.52
N VAL C 92 -15.53 9.66 23.34
CA VAL C 92 -14.67 10.77 23.76
C VAL C 92 -14.40 10.61 25.24
N GLN C 93 -13.11 10.59 25.61
CA GLN C 93 -12.74 10.43 27.00
C GLN C 93 -11.97 11.66 27.46
N LEU C 94 -12.43 12.24 28.58
CA LEU C 94 -11.84 13.44 29.14
C LEU C 94 -10.73 13.09 30.14
N ALA C 95 -9.94 14.10 30.52
CA ALA C 95 -8.94 13.97 31.56
C ALA C 95 -9.41 14.64 32.86
N THR C 96 -10.05 15.81 32.77
CA THR C 96 -10.69 16.42 33.91
C THR C 96 -12.21 16.26 33.80
N SER C 97 -12.84 15.85 34.91
CA SER C 97 -14.27 15.61 34.94
C SER C 97 -15.04 16.91 35.09
N VAL C 98 -16.29 16.91 34.63
CA VAL C 98 -17.15 18.08 34.76
C VAL C 98 -18.24 17.76 35.79
N GLU C 99 -18.13 18.37 36.97
CA GLU C 99 -19.09 18.12 38.03
C GLU C 99 -20.42 18.76 37.66
N ILE C 100 -21.47 17.93 37.67
CA ILE C 100 -22.84 18.40 37.52
C ILE C 100 -23.60 18.12 38.81
N ALA C 101 -24.07 19.20 39.46
CA ALA C 101 -24.74 19.11 40.74
C ALA C 101 -26.24 19.38 40.60
N CYS C 102 -27.05 18.34 40.84
CA CYS C 102 -28.50 18.44 40.74
C CYS C 102 -29.05 18.95 42.07
N THR C 103 -30.06 19.83 41.98
CA THR C 103 -30.59 20.56 43.12
C THR C 103 -31.90 19.93 43.60
N GLY C 104 -32.50 19.09 42.75
CA GLY C 104 -33.74 18.39 43.08
C GLY C 104 -34.97 19.21 42.71
N ALA C 105 -34.72 20.44 42.20
CA ALA C 105 -35.79 21.33 41.79
C ALA C 105 -36.16 21.08 40.33
N GLY C 106 -35.63 20.00 39.75
CA GLY C 106 -36.02 19.54 38.42
C GLY C 106 -35.03 19.97 37.34
N HIS C 107 -33.82 20.34 37.77
CA HIS C 107 -32.77 20.80 36.87
C HIS C 107 -31.42 20.57 37.52
N CYS C 108 -30.39 20.35 36.68
CA CYS C 108 -29.03 20.12 37.14
C CYS C 108 -28.11 21.19 36.54
N ALA C 109 -27.08 21.56 37.30
CA ALA C 109 -26.23 22.70 36.96
C ALA C 109 -24.84 22.23 36.50
N ILE C 110 -24.31 22.90 35.48
CA ILE C 110 -22.96 22.68 34.98
C ILE C 110 -22.27 24.03 34.87
N SER C 111 -20.95 24.07 35.09
CA SER C 111 -20.17 25.26 34.82
C SER C 111 -20.09 25.49 33.32
N ARG C 112 -20.37 26.73 32.91
CA ARG C 112 -20.39 27.11 31.50
C ARG C 112 -18.95 27.19 30.96
N ALA C 113 -18.08 27.88 31.69
CA ALA C 113 -16.69 28.02 31.27
C ALA C 113 -16.06 26.65 31.11
N LYS C 114 -16.38 25.76 32.05
CA LYS C 114 -15.83 24.42 32.16
C LYS C 114 -16.24 23.60 30.94
N TRP C 115 -17.53 23.64 30.60
CA TRP C 115 -18.07 22.91 29.47
C TRP C 115 -17.52 23.45 28.15
N ALA C 116 -17.32 24.77 28.08
CA ALA C 116 -16.79 25.36 26.87
C ALA C 116 -15.35 24.91 26.65
N ASN C 117 -14.55 24.85 27.72
CA ASN C 117 -13.18 24.37 27.61
C ASN C 117 -13.14 22.89 27.22
N THR C 118 -14.06 22.10 27.78
CA THR C 118 -14.16 20.69 27.43
C THR C 118 -14.43 20.54 25.94
N LEU C 119 -15.42 21.29 25.44
CA LEU C 119 -15.80 21.24 24.04
C LEU C 119 -14.61 21.67 23.16
N LYS C 120 -13.87 22.68 23.62
CA LYS C 120 -12.73 23.19 22.87
C LYS C 120 -11.70 22.07 22.69
N GLN C 121 -11.39 21.35 23.77
CA GLN C 121 -10.37 20.32 23.72
C GLN C 121 -10.84 19.17 22.83
N ILE C 122 -12.14 18.84 22.91
CA ILE C 122 -12.69 17.77 22.11
C ILE C 122 -12.55 18.12 20.63
N ALA C 123 -12.80 19.41 20.29
CA ALA C 123 -12.76 19.92 18.92
C ALA C 123 -11.32 19.89 18.41
N SER C 124 -10.38 20.19 19.30
CA SER C 124 -8.98 20.12 18.96
C SER C 124 -8.59 18.69 18.57
N LYS C 125 -9.02 17.71 19.38
CA LYS C 125 -8.67 16.33 19.12
C LYS C 125 -9.40 15.81 17.89
N LEU C 126 -10.57 16.40 17.57
CA LEU C 126 -11.35 16.01 16.41
C LEU C 126 -10.71 16.55 15.14
N ARG C 127 -10.11 17.74 15.27
CA ARG C 127 -9.43 18.36 14.15
C ARG C 127 -8.19 17.54 13.84
N GLU C 128 -7.48 17.09 14.88
CA GLU C 128 -6.27 16.32 14.67
C GLU C 128 -6.61 14.93 14.10
N GLN C 129 -7.90 14.69 13.83
CA GLN C 129 -8.33 13.42 13.26
C GLN C 129 -8.92 13.60 11.86
N TYR C 130 -9.76 14.62 11.69
CA TYR C 130 -10.41 14.84 10.41
C TYR C 130 -9.73 15.95 9.62
N GLY C 131 -8.85 16.72 10.29
CA GLY C 131 -8.14 17.80 9.63
C GLY C 131 -8.47 19.15 10.28
N ALA C 132 -7.89 20.23 9.74
CA ALA C 132 -8.11 21.58 10.23
C ALA C 132 -9.41 22.14 9.65
N LYS C 133 -10.52 21.68 10.22
CA LYS C 133 -11.83 22.10 9.78
C LYS C 133 -12.52 22.89 10.89
N THR C 134 -13.82 23.14 10.70
CA THR C 134 -14.62 23.80 11.72
C THR C 134 -15.48 22.74 12.39
N ILE C 135 -15.28 22.60 13.71
CA ILE C 135 -16.02 21.62 14.49
C ILE C 135 -17.27 22.29 15.01
N ILE C 136 -18.42 21.78 14.56
CA ILE C 136 -19.71 22.22 15.08
C ILE C 136 -20.36 21.10 15.91
N PHE C 137 -20.99 21.49 17.02
CA PHE C 137 -21.80 20.60 17.83
C PHE C 137 -23.25 21.05 17.74
N LYS C 138 -24.13 20.12 17.36
CA LYS C 138 -25.57 20.39 17.26
C LYS C 138 -26.33 19.38 18.12
N PRO C 139 -27.59 19.68 18.51
CA PRO C 139 -28.41 18.73 19.29
C PRO C 139 -28.65 17.40 18.61
N SER C 140 -29.30 16.47 19.34
CA SER C 140 -29.51 15.12 18.87
C SER C 140 -30.38 15.14 17.62
N SER C 141 -30.42 14.00 16.93
CA SER C 141 -31.05 13.84 15.64
C SER C 141 -32.49 13.37 15.81
N GLY C 142 -32.92 13.15 17.05
CA GLY C 142 -34.24 12.62 17.32
C GLY C 142 -34.18 11.13 17.70
N GLY C 143 -34.79 10.28 16.87
CA GLY C 143 -34.97 8.87 17.19
C GLY C 143 -36.03 8.69 18.29
N ASP C 144 -35.69 7.91 19.32
CA ASP C 144 -36.58 7.67 20.45
C ASP C 144 -36.27 8.64 21.59
N PRO C 145 -37.23 8.94 22.49
CA PRO C 145 -36.96 9.77 23.67
C PRO C 145 -35.80 9.26 24.51
N GLU C 146 -35.42 7.99 24.31
CA GLU C 146 -34.31 7.39 25.03
C GLU C 146 -33.05 8.22 24.83
N PHE C 147 -32.62 8.35 23.56
CA PHE C 147 -31.29 8.85 23.22
C PHE C 147 -31.35 10.27 22.68
N VAL C 148 -32.57 10.81 22.57
CA VAL C 148 -32.73 12.21 22.20
C VAL C 148 -32.38 13.08 23.42
N ASN C 149 -32.50 12.49 24.60
CA ASN C 149 -32.21 13.21 25.83
C ASN C 149 -31.06 12.51 26.56
N HIS C 150 -30.35 13.27 27.41
CA HIS C 150 -29.33 12.71 28.28
C HIS C 150 -29.99 11.89 29.38
N SER C 151 -30.07 10.58 29.18
CA SER C 151 -30.66 9.68 30.15
C SER C 151 -29.58 9.21 31.11
N PHE C 152 -29.97 8.95 32.37
CA PHE C 152 -29.02 8.41 33.33
C PHE C 152 -29.77 7.78 34.48
N ASN C 153 -29.21 6.68 34.99
CA ASN C 153 -29.82 5.88 36.04
C ASN C 153 -29.12 6.15 37.35
N CYS C 154 -29.92 6.46 38.37
CA CYS C 154 -29.41 6.72 39.70
C CYS C 154 -30.30 5.98 40.69
N GLY C 155 -29.67 5.14 41.53
CA GLY C 155 -30.36 4.41 42.58
C GLY C 155 -31.61 3.70 42.06
N GLY C 156 -31.56 3.26 40.80
CA GLY C 156 -32.59 2.41 40.23
C GLY C 156 -33.71 3.22 39.58
N GLU C 157 -33.45 4.52 39.34
CA GLU C 157 -34.42 5.38 38.68
C GLU C 157 -33.77 6.02 37.46
N PHE C 158 -34.50 6.04 36.35
CA PHE C 158 -33.96 6.45 35.08
C PHE C 158 -34.46 7.86 34.74
N PHE C 159 -33.63 8.87 35.02
CA PHE C 159 -33.96 10.27 34.78
C PHE C 159 -33.56 10.69 33.37
N TYR C 160 -34.24 11.72 32.86
CA TYR C 160 -34.01 12.23 31.51
C TYR C 160 -33.78 13.74 31.59
N CYS C 161 -32.72 14.21 30.92
CA CYS C 161 -32.36 15.62 30.91
C CYS C 161 -32.23 16.10 29.46
N ALA C 162 -32.30 17.42 29.26
CA ALA C 162 -32.20 18.03 27.94
C ALA C 162 -30.74 18.40 27.66
N SER C 163 -30.31 18.20 26.41
CA SER C 163 -28.90 18.28 26.04
C SER C 163 -28.60 19.47 25.14
N THR C 164 -29.65 20.19 24.70
CA THR C 164 -29.55 21.24 23.70
C THR C 164 -28.46 22.25 24.09
N GLN C 165 -28.47 22.67 25.36
CA GLN C 165 -27.60 23.76 25.77
C GLN C 165 -26.14 23.32 25.74
N LEU C 166 -25.90 22.00 25.81
CA LEU C 166 -24.53 21.51 25.79
C LEU C 166 -24.07 21.34 24.34
N PHE C 167 -24.98 20.87 23.48
CA PHE C 167 -24.65 20.47 22.13
C PHE C 167 -25.15 21.53 21.17
N ALA C 168 -24.46 22.67 21.14
CA ALA C 168 -24.80 23.78 20.27
C ALA C 168 -23.72 24.83 20.37
N SER C 169 -22.63 24.66 19.59
CA SER C 169 -21.61 25.67 19.46
C SER C 169 -20.76 25.40 18.22
N THR C 170 -19.90 26.39 17.88
CA THR C 170 -19.00 26.29 16.74
C THR C 170 -17.56 26.66 17.15
N TRP C 171 -16.58 25.95 16.60
CA TRP C 171 -15.19 26.16 16.93
C TRP C 171 -14.33 26.08 15.68
N PHE C 172 -13.36 27.01 15.57
CA PHE C 172 -12.47 27.10 14.43
C PHE C 172 -11.17 26.40 14.78
C1 NAG D . -21.16 9.68 40.88
C2 NAG D . -22.47 9.00 41.28
C3 NAG D . -23.09 9.74 42.47
C4 NAG D . -22.09 9.83 43.62
C5 NAG D . -20.79 10.44 43.11
C6 NAG D . -19.72 10.49 44.18
C7 NAG D . -24.38 7.95 40.01
C8 NAG D . -24.35 6.74 40.90
N2 NAG D . -23.44 8.89 40.21
O3 NAG D . -24.28 9.08 42.90
O4 NAG D . -22.61 10.67 44.63
O5 NAG D . -20.29 9.66 42.01
O6 NAG D . -19.32 9.18 44.56
O7 NAG D . -25.23 8.06 39.14
C1 NAG E . -15.96 14.54 41.15
C2 NAG E . -16.73 14.37 42.46
C3 NAG E . -16.02 15.15 43.57
C4 NAG E . -14.58 14.70 43.67
C5 NAG E . -13.91 14.99 42.33
C6 NAG E . -12.46 14.56 42.29
C7 NAG E . -19.13 13.91 42.16
C8 NAG E . -20.49 14.52 42.16
N2 NAG E . -18.13 14.76 42.39
O3 NAG E . -16.70 14.99 44.82
O4 NAG E . -13.95 15.45 44.71
O5 NAG E . -14.58 14.24 41.30
O6 NAG E . -12.33 13.17 42.58
O7 NAG E . -18.94 12.71 41.96
#